data_6XX0
#
_entry.id   6XX0
#
_cell.length_a   70.323
_cell.length_b   80.773
_cell.length_c   84.929
_cell.angle_alpha   90.000
_cell.angle_beta   90.000
_cell.angle_gamma   90.000
#
_symmetry.space_group_name_H-M   'P 21 21 2'
#
loop_
_entity.id
_entity.type
_entity.pdbx_description
1 polymer 'Inhibitor of kappa light polypeptide gene enhancer in B-cells, kinase gamma, isoform CRA_b'
2 polymer Ubv-LIN
3 water water
#
loop_
_entity_poly.entity_id
_entity_poly.type
_entity_poly.pdbx_seq_one_letter_code
_entity_poly.pdbx_strand_id
1 'polypeptide(L)'
;GPMQLEDLKQQLQQAEEALVAKQEVIDKLKEEAAQHAIVMETVPVLKAQADIYKADFQAERQAREKLAEKKELLQEQLEQ
LQREYSKLK
;
A,B
2 'polypeptide(L)' GPMQINVKTLTGTTIGLEVEPSDTIENVKAKIQDKEGIPPDQQILFFSGMQLEDGRTLSDYNIQKESRLYLVFSLRGRLG C,D
#
# COMPACT_ATOMS: atom_id res chain seq x y z
N GLN A 11 -29.24 -23.54 39.68
CA GLN A 11 -29.90 -23.72 38.36
C GLN A 11 -29.92 -22.39 37.59
N LEU A 12 -30.33 -21.31 38.26
CA LEU A 12 -30.45 -19.94 37.69
C LEU A 12 -29.07 -19.26 37.68
N GLN A 13 -28.19 -19.60 38.61
CA GLN A 13 -26.85 -18.94 38.78
C GLN A 13 -25.94 -19.35 37.61
N GLN A 14 -26.22 -20.48 36.93
CA GLN A 14 -25.47 -20.92 35.70
C GLN A 14 -25.75 -19.93 34.56
N ALA A 15 -27.00 -19.45 34.49
CA ALA A 15 -27.45 -18.44 33.51
C ALA A 15 -26.83 -17.07 33.84
N GLU A 16 -26.72 -16.73 35.13
CA GLU A 16 -26.18 -15.43 35.61
C GLU A 16 -24.65 -15.39 35.38
N GLU A 17 -23.95 -16.54 35.46
CA GLU A 17 -22.47 -16.65 35.23
C GLU A 17 -22.17 -17.06 33.78
N ALA A 18 -23.20 -17.09 32.92
CA ALA A 18 -23.06 -17.19 31.45
C ALA A 18 -23.23 -15.78 30.88
N LEU A 19 -24.17 -15.02 31.46
CA LEU A 19 -24.51 -13.63 31.08
C LEU A 19 -23.28 -12.75 31.30
N VAL A 20 -22.45 -13.10 32.29
CA VAL A 20 -21.16 -12.44 32.61
C VAL A 20 -20.12 -12.87 31.56
N ALA A 21 -20.05 -14.17 31.26
CA ALA A 21 -19.15 -14.76 30.23
C ALA A 21 -19.37 -14.01 28.90
N LYS A 22 -20.63 -13.79 28.54
CA LYS A 22 -21.05 -13.12 27.29
C LYS A 22 -20.61 -11.64 27.35
N GLN A 23 -20.75 -11.01 28.51
CA GLN A 23 -20.42 -9.58 28.72
C GLN A 23 -18.93 -9.33 28.42
N GLU A 24 -17.99 -10.12 28.97
CA GLU A 24 -16.52 -9.92 28.77
C GLU A 24 -16.11 -10.44 27.38
N VAL A 25 -16.97 -11.19 26.67
CA VAL A 25 -16.74 -11.50 25.23
C VAL A 25 -17.09 -10.25 24.43
N ILE A 26 -18.13 -9.50 24.82
CA ILE A 26 -18.55 -8.22 24.16
C ILE A 26 -17.49 -7.13 24.44
N ASP A 27 -17.02 -7.02 25.69
CA ASP A 27 -16.02 -6.00 26.11
C ASP A 27 -14.71 -6.25 25.36
N LYS A 28 -14.23 -7.51 25.30
CA LYS A 28 -12.94 -7.89 24.65
C LYS A 28 -13.01 -7.66 23.14
N LEU A 29 -14.20 -7.75 22.54
CA LEU A 29 -14.37 -7.51 21.09
C LEU A 29 -14.30 -6.00 20.83
N LYS A 30 -14.85 -5.19 21.74
CA LYS A 30 -14.86 -3.70 21.60
C LYS A 30 -13.45 -3.16 21.88
N GLU A 31 -12.71 -3.81 22.78
CA GLU A 31 -11.28 -3.53 23.04
C GLU A 31 -10.51 -3.58 21.72
N GLU A 32 -10.46 -4.76 21.09
CA GLU A 32 -9.62 -5.07 19.90
C GLU A 32 -10.10 -4.21 18.71
N ALA A 33 -11.40 -3.91 18.63
CA ALA A 33 -12.04 -3.16 17.53
C ALA A 33 -11.54 -1.70 17.52
N ALA A 34 -11.17 -1.18 18.68
CA ALA A 34 -10.63 0.19 18.86
C ALA A 34 -9.12 0.18 18.60
N GLN A 35 -8.48 -0.94 18.89
CA GLN A 35 -7.00 -1.13 18.76
C GLN A 35 -6.61 -1.36 17.29
N HIS A 36 -7.56 -1.70 16.42
CA HIS A 36 -7.23 -2.05 15.01
C HIS A 36 -7.96 -1.12 14.02
N ALA A 37 -8.64 -0.08 14.52
CA ALA A 37 -9.10 1.08 13.70
C ALA A 37 -7.91 2.03 13.51
N ILE A 38 -6.87 1.85 14.35
CA ILE A 38 -5.55 2.53 14.30
C ILE A 38 -4.79 2.07 13.05
N VAL A 39 -4.60 0.75 12.90
CA VAL A 39 -3.87 0.15 11.74
C VAL A 39 -4.74 0.27 10.49
N MET A 40 -6.07 0.29 10.62
CA MET A 40 -7.01 0.39 9.46
C MET A 40 -6.97 1.81 8.86
N GLU A 41 -6.43 2.80 9.56
CA GLU A 41 -6.36 4.21 9.06
C GLU A 41 -4.98 4.47 8.45
N THR A 42 -4.15 3.43 8.27
CA THR A 42 -2.89 3.48 7.48
C THR A 42 -3.14 2.92 6.07
N VAL A 43 -4.26 2.21 5.90
CA VAL A 43 -4.69 1.63 4.59
C VAL A 43 -4.73 2.74 3.54
N PRO A 44 -5.52 3.84 3.75
CA PRO A 44 -5.63 4.91 2.76
C PRO A 44 -4.28 5.59 2.49
N VAL A 45 -3.43 5.65 3.51
CA VAL A 45 -2.07 6.23 3.43
C VAL A 45 -1.22 5.34 2.53
N LEU A 46 -1.32 4.03 2.73
CA LEU A 46 -0.54 3.03 1.98
C LEU A 46 -0.99 3.05 0.52
N LYS A 47 -2.30 3.14 0.29
CA LYS A 47 -2.91 3.17 -1.07
C LYS A 47 -2.41 4.40 -1.84
N ALA A 48 -2.35 5.56 -1.18
CA ALA A 48 -1.93 6.83 -1.82
C ALA A 48 -0.45 6.73 -2.15
N GLN A 49 0.36 6.17 -1.27
CA GLN A 49 1.82 6.07 -1.52
C GLN A 49 2.02 5.23 -2.78
N ALA A 50 1.32 4.10 -2.88
CA ALA A 50 1.40 3.17 -4.02
C ALA A 50 0.91 3.86 -5.30
N ASP A 51 -0.15 4.65 -5.22
CA ASP A 51 -0.74 5.38 -6.36
C ASP A 51 0.26 6.40 -6.90
N ILE A 52 0.96 7.10 -6.01
CA ILE A 52 1.98 8.13 -6.38
C ILE A 52 3.14 7.44 -7.14
N TYR A 53 3.70 6.35 -6.59
CA TYR A 53 4.82 5.61 -7.21
C TYR A 53 4.38 5.03 -8.56
N LYS A 54 3.13 4.58 -8.64
CA LYS A 54 2.55 4.02 -9.90
C LYS A 54 2.46 5.13 -10.96
N ALA A 55 1.86 6.28 -10.61
CA ALA A 55 1.67 7.44 -11.52
C ALA A 55 3.03 7.99 -11.93
N ASP A 56 3.97 8.06 -10.99
CA ASP A 56 5.35 8.55 -11.23
C ASP A 56 6.00 7.63 -12.26
N PHE A 57 5.98 6.31 -12.01
CA PHE A 57 6.52 5.26 -12.92
C PHE A 57 5.98 5.45 -14.35
N GLN A 58 4.66 5.57 -14.48
CA GLN A 58 3.97 5.73 -15.80
C GLN A 58 4.48 7.00 -16.49
N ALA A 59 4.68 8.08 -15.76
CA ALA A 59 5.24 9.34 -16.27
C ALA A 59 6.66 9.09 -16.81
N GLU A 60 7.49 8.33 -16.07
CA GLU A 60 8.90 8.00 -16.47
C GLU A 60 8.87 7.14 -17.74
N ARG A 61 7.93 6.19 -17.84
CA ARG A 61 7.80 5.27 -18.99
C ARG A 61 7.44 6.09 -20.24
N GLN A 62 6.45 6.98 -20.14
CA GLN A 62 5.99 7.80 -21.29
C GLN A 62 7.14 8.69 -21.74
N ALA A 63 7.92 9.21 -20.78
CA ALA A 63 9.07 10.12 -20.99
C ALA A 63 10.21 9.37 -21.69
N ARG A 64 10.39 8.10 -21.32
CA ARG A 64 11.40 7.18 -21.91
C ARG A 64 11.04 6.90 -23.37
N GLU A 65 9.76 6.59 -23.64
CA GLU A 65 9.25 6.26 -25.00
C GLU A 65 9.41 7.47 -25.93
N LYS A 66 9.17 8.67 -25.39
CA LYS A 66 9.28 9.94 -26.16
C LYS A 66 10.75 10.17 -26.52
N LEU A 67 11.68 9.96 -25.57
CA LEU A 67 13.15 10.13 -25.79
C LEU A 67 13.66 9.09 -26.79
N ALA A 68 13.07 7.88 -26.78
CA ALA A 68 13.37 6.82 -27.75
C ALA A 68 13.04 7.33 -29.16
N GLU A 69 11.82 7.82 -29.38
CA GLU A 69 11.38 8.40 -30.68
C GLU A 69 12.42 9.41 -31.16
N LYS A 70 12.74 10.40 -30.33
CA LYS A 70 13.71 11.47 -30.64
C LYS A 70 15.07 10.85 -30.91
N LYS A 71 15.56 9.98 -30.04
CA LYS A 71 16.89 9.36 -30.22
C LYS A 71 17.00 8.84 -31.65
N GLU A 72 16.07 8.00 -32.08
CA GLU A 72 16.15 7.26 -33.36
C GLU A 72 15.99 8.28 -34.51
N LEU A 73 15.23 9.35 -34.27
CA LEU A 73 14.97 10.43 -35.26
C LEU A 73 16.25 11.23 -35.50
N LEU A 74 17.04 11.45 -34.45
CA LEU A 74 18.33 12.19 -34.49
C LEU A 74 19.40 11.33 -35.15
N GLN A 75 19.46 10.05 -34.79
CA GLN A 75 20.40 9.04 -35.37
C GLN A 75 20.33 9.09 -36.90
N GLU A 76 19.13 9.31 -37.45
CA GLU A 76 18.89 9.41 -38.92
C GLU A 76 19.58 10.68 -39.43
N GLN A 77 19.05 11.86 -39.05
CA GLN A 77 19.59 13.20 -39.41
C GLN A 77 21.12 13.15 -39.39
N LEU A 78 21.71 12.79 -38.25
CA LEU A 78 23.17 12.64 -38.07
C LEU A 78 23.73 11.81 -39.24
N GLU A 79 23.18 10.61 -39.44
CA GLU A 79 23.65 9.61 -40.46
C GLU A 79 23.64 10.26 -41.87
N GLN A 80 22.50 10.81 -42.28
CA GLN A 80 22.33 11.46 -43.61
C GLN A 80 23.38 12.57 -43.78
N LEU A 81 23.38 13.57 -42.90
CA LEU A 81 24.25 14.78 -42.98
C LEU A 81 25.73 14.37 -42.85
N GLN A 82 26.02 13.16 -42.34
CA GLN A 82 27.40 12.60 -42.32
C GLN A 82 27.76 12.14 -43.74
N ARG A 83 26.88 11.35 -44.36
CA ARG A 83 27.00 10.91 -45.79
C ARG A 83 27.13 12.14 -46.68
N GLU A 84 26.19 13.08 -46.54
CA GLU A 84 26.04 14.32 -47.37
C GLU A 84 27.36 15.10 -47.42
N TYR A 85 28.09 15.13 -46.30
CA TYR A 85 29.36 15.89 -46.13
C TYR A 85 30.51 14.91 -45.85
N GLN B 10 -38.43 -18.38 38.27
CA GLN B 10 -39.61 -17.57 37.89
C GLN B 10 -39.17 -16.56 36.82
N GLN B 11 -38.01 -15.91 37.02
CA GLN B 11 -37.37 -14.97 36.06
C GLN B 11 -36.12 -15.65 35.45
N LEU B 12 -36.22 -16.94 35.17
CA LEU B 12 -35.18 -17.72 34.45
C LEU B 12 -35.31 -17.44 32.95
N GLN B 13 -36.53 -17.15 32.46
CA GLN B 13 -36.84 -16.91 31.01
C GLN B 13 -36.62 -15.44 30.65
N GLN B 14 -36.23 -14.59 31.61
CA GLN B 14 -35.81 -13.18 31.33
C GLN B 14 -34.28 -13.17 31.22
N ALA B 15 -33.60 -14.02 31.99
CA ALA B 15 -32.14 -14.26 31.93
C ALA B 15 -31.80 -15.00 30.62
N GLU B 16 -32.56 -16.05 30.29
CA GLU B 16 -32.40 -16.85 29.03
C GLU B 16 -32.56 -15.92 27.83
N GLU B 17 -33.57 -15.03 27.84
CA GLU B 17 -33.93 -14.14 26.70
C GLU B 17 -32.91 -13.00 26.63
N ALA B 18 -32.28 -12.65 27.76
CA ALA B 18 -31.22 -11.62 27.85
C ALA B 18 -29.88 -12.21 27.36
N LEU B 19 -29.64 -13.51 27.65
CA LEU B 19 -28.50 -14.31 27.10
C LEU B 19 -28.57 -14.27 25.56
N VAL B 20 -29.75 -14.55 25.01
CA VAL B 20 -30.06 -14.56 23.56
C VAL B 20 -29.71 -13.17 22.99
N ALA B 21 -30.24 -12.11 23.60
CA ALA B 21 -30.11 -10.70 23.14
C ALA B 21 -28.62 -10.32 23.11
N LYS B 22 -27.84 -10.91 24.01
CA LYS B 22 -26.40 -10.62 24.19
C LYS B 22 -25.61 -11.29 23.05
N GLN B 23 -26.01 -12.51 22.69
CA GLN B 23 -25.38 -13.28 21.58
C GLN B 23 -25.66 -12.57 20.25
N GLU B 24 -26.84 -11.95 20.14
CA GLU B 24 -27.25 -11.20 18.91
C GLU B 24 -26.29 -10.02 18.72
N VAL B 25 -25.72 -9.50 19.81
CA VAL B 25 -24.70 -8.40 19.80
C VAL B 25 -23.33 -9.01 19.44
N ILE B 26 -22.91 -10.08 20.12
CA ILE B 26 -21.63 -10.80 19.85
C ILE B 26 -21.53 -11.15 18.36
N ASP B 27 -22.60 -11.68 17.79
CA ASP B 27 -22.64 -12.11 16.37
C ASP B 27 -22.34 -10.88 15.49
N LYS B 28 -23.02 -9.76 15.72
CA LYS B 28 -22.83 -8.48 14.99
C LYS B 28 -21.37 -8.02 15.10
N LEU B 29 -20.76 -8.12 16.29
CA LEU B 29 -19.36 -7.66 16.54
C LEU B 29 -18.38 -8.61 15.85
N LYS B 30 -18.58 -9.93 15.98
CA LYS B 30 -17.73 -10.98 15.36
C LYS B 30 -17.70 -10.76 13.84
N GLU B 31 -18.87 -10.46 13.29
CA GLU B 31 -19.13 -10.14 11.85
C GLU B 31 -18.35 -8.87 11.47
N GLU B 32 -18.37 -7.83 12.31
CA GLU B 32 -17.64 -6.56 12.08
C GLU B 32 -16.13 -6.81 12.18
N ALA B 33 -15.73 -7.74 13.05
CA ALA B 33 -14.30 -8.07 13.34
C ALA B 33 -13.74 -8.98 12.24
N ALA B 34 -14.61 -9.74 11.56
CA ALA B 34 -14.27 -10.56 10.38
C ALA B 34 -13.88 -9.64 9.23
N GLN B 35 -14.70 -8.60 9.01
CA GLN B 35 -14.56 -7.58 7.94
C GLN B 35 -13.34 -6.69 8.25
N HIS B 36 -13.13 -6.34 9.52
CA HIS B 36 -11.92 -5.59 9.98
C HIS B 36 -10.68 -6.44 9.63
N ALA B 37 -10.68 -7.72 9.98
CA ALA B 37 -9.54 -8.65 9.79
C ALA B 37 -9.13 -8.73 8.32
N ILE B 38 -10.11 -8.73 7.40
CA ILE B 38 -9.89 -8.82 5.93
C ILE B 38 -9.06 -7.61 5.48
N VAL B 39 -9.44 -6.42 5.95
CA VAL B 39 -8.74 -5.15 5.62
C VAL B 39 -7.31 -5.21 6.15
N MET B 40 -7.16 -5.58 7.41
CA MET B 40 -5.87 -5.48 8.15
C MET B 40 -4.82 -6.43 7.57
N GLU B 41 -5.22 -7.57 7.03
CA GLU B 41 -4.28 -8.56 6.46
C GLU B 41 -3.75 -8.06 5.10
N THR B 42 -4.37 -7.04 4.49
CA THR B 42 -3.91 -6.43 3.21
C THR B 42 -2.79 -5.41 3.49
N VAL B 43 -2.65 -4.96 4.74
CA VAL B 43 -1.68 -3.89 5.16
C VAL B 43 -0.26 -4.30 4.77
N PRO B 44 0.24 -5.49 5.17
CA PRO B 44 1.55 -5.93 4.74
C PRO B 44 1.61 -6.04 3.21
N VAL B 45 0.49 -6.38 2.56
CA VAL B 45 0.40 -6.48 1.07
C VAL B 45 0.61 -5.09 0.46
N LEU B 46 -0.07 -4.09 1.00
CA LEU B 46 0.06 -2.68 0.54
C LEU B 46 1.50 -2.17 0.77
N LYS B 47 2.12 -2.50 1.91
CA LYS B 47 3.52 -2.12 2.18
C LYS B 47 4.38 -2.66 1.05
N ALA B 48 4.24 -3.96 0.74
CA ALA B 48 5.02 -4.67 -0.30
C ALA B 48 4.76 -4.04 -1.67
N GLN B 49 3.51 -3.74 -1.99
CA GLN B 49 3.09 -3.07 -3.24
C GLN B 49 3.84 -1.73 -3.37
N ALA B 50 3.87 -0.94 -2.31
CA ALA B 50 4.52 0.38 -2.26
C ALA B 50 6.01 0.21 -2.59
N ASP B 51 6.68 -0.72 -1.91
CA ASP B 51 8.13 -0.97 -2.08
C ASP B 51 8.43 -1.33 -3.54
N ILE B 52 7.65 -2.21 -4.16
CA ILE B 52 7.88 -2.70 -5.55
C ILE B 52 7.69 -1.54 -6.54
N TYR B 53 6.62 -0.77 -6.40
CA TYR B 53 6.28 0.39 -7.26
C TYR B 53 7.40 1.43 -7.16
N LYS B 54 7.92 1.65 -5.94
CA LYS B 54 9.07 2.55 -5.66
C LYS B 54 10.27 2.10 -6.52
N ALA B 55 10.62 0.82 -6.45
CA ALA B 55 11.74 0.21 -7.20
C ALA B 55 11.45 0.26 -8.71
N ASP B 56 10.17 0.19 -9.10
CA ASP B 56 9.72 0.29 -10.52
C ASP B 56 9.97 1.70 -11.00
N PHE B 57 9.55 2.69 -10.23
CA PHE B 57 9.71 4.12 -10.53
C PHE B 57 11.20 4.44 -10.74
N GLN B 58 12.02 4.18 -9.73
CA GLN B 58 13.48 4.48 -9.69
C GLN B 58 14.16 3.81 -10.88
N ALA B 59 13.90 2.52 -11.10
CA ALA B 59 14.50 1.73 -12.22
C ALA B 59 14.15 2.38 -13.57
N GLU B 60 12.99 3.03 -13.67
CA GLU B 60 12.49 3.66 -14.93
C GLU B 60 13.05 5.06 -15.10
N ARG B 61 13.29 5.76 -13.99
CA ARG B 61 13.96 7.08 -14.02
C ARG B 61 15.38 6.89 -14.56
N GLN B 62 16.06 5.83 -14.13
CA GLN B 62 17.42 5.45 -14.59
C GLN B 62 17.41 5.25 -16.11
N ALA B 63 16.68 4.23 -16.58
CA ALA B 63 16.59 3.85 -18.00
C ALA B 63 16.31 5.10 -18.84
N ARG B 64 15.53 6.05 -18.31
CA ARG B 64 15.09 7.26 -19.06
C ARG B 64 16.15 8.36 -18.95
N GLU B 65 16.87 8.43 -17.83
CA GLU B 65 18.02 9.36 -17.63
C GLU B 65 19.13 8.98 -18.63
N LYS B 66 19.52 7.69 -18.65
CA LYS B 66 20.52 7.14 -19.60
C LYS B 66 20.12 7.51 -21.03
N LEU B 67 18.83 7.40 -21.37
CA LEU B 67 18.30 7.68 -22.72
C LEU B 67 18.28 9.19 -22.97
N ALA B 68 18.16 9.99 -21.91
CA ALA B 68 18.20 11.47 -21.99
C ALA B 68 19.64 11.93 -22.27
N GLU B 69 20.65 11.23 -21.74
CA GLU B 69 22.10 11.53 -21.95
C GLU B 69 22.43 11.30 -23.43
N LYS B 70 22.18 10.08 -23.90
CA LYS B 70 22.43 9.63 -25.31
C LYS B 70 21.77 10.62 -26.29
N LYS B 71 20.57 11.09 -25.97
CA LYS B 71 19.80 12.01 -26.84
C LYS B 71 20.50 13.37 -26.94
N GLU B 72 21.21 13.80 -25.90
CA GLU B 72 21.96 15.10 -25.89
C GLU B 72 23.27 14.88 -26.64
N LEU B 73 24.02 13.83 -26.30
CA LEU B 73 25.24 13.39 -27.00
C LEU B 73 24.97 13.45 -28.52
N LEU B 74 23.85 12.86 -28.96
CA LEU B 74 23.42 12.84 -30.38
C LEU B 74 23.18 14.27 -30.88
N GLN B 75 22.47 15.08 -30.09
CA GLN B 75 22.09 16.47 -30.47
C GLN B 75 23.33 17.36 -30.46
N GLU B 76 24.35 17.00 -29.67
CA GLU B 76 25.67 17.72 -29.56
C GLU B 76 26.55 17.30 -30.73
N GLN B 77 26.55 16.00 -31.07
CA GLN B 77 27.30 15.43 -32.22
C GLN B 77 26.72 15.97 -33.55
N LEU B 78 25.40 16.25 -33.59
CA LEU B 78 24.71 16.74 -34.82
C LEU B 78 25.09 18.21 -35.08
N GLU B 79 25.16 19.03 -34.03
CA GLU B 79 25.39 20.50 -34.15
C GLU B 79 26.88 20.79 -34.39
N GLN B 80 27.78 19.94 -33.85
CA GLN B 80 29.25 20.05 -34.07
C GLN B 80 29.59 19.78 -35.54
N LEU B 81 28.91 18.82 -36.17
CA LEU B 81 29.18 18.40 -37.57
C LEU B 81 28.33 19.25 -38.54
N GLN B 82 27.54 20.18 -38.02
CA GLN B 82 26.84 21.22 -38.82
C GLN B 82 27.71 22.49 -38.82
N ARG B 83 28.90 22.39 -38.21
CA ARG B 83 30.07 23.29 -38.44
C ARG B 83 30.89 22.65 -39.57
N GLU B 84 30.37 22.66 -40.80
CA GLU B 84 31.00 22.07 -42.01
C GLU B 84 30.14 22.44 -43.23
N GLY C 1 -1.33 25.39 22.86
CA GLY C 1 -0.32 26.40 22.58
C GLY C 1 0.90 25.77 21.90
N PRO C 2 2.06 26.48 21.79
CA PRO C 2 3.22 25.97 21.02
C PRO C 2 3.59 24.51 21.36
N MET C 3 3.38 23.58 20.40
CA MET C 3 3.46 22.10 20.64
C MET C 3 4.34 21.39 19.59
N GLN C 4 4.72 20.14 19.90
CA GLN C 4 5.47 19.22 19.02
C GLN C 4 4.51 18.17 18.46
N ILE C 5 4.45 18.04 17.13
CA ILE C 5 3.73 16.95 16.42
C ILE C 5 4.76 16.08 15.71
N ASN C 6 4.39 14.83 15.41
CA ASN C 6 5.27 13.84 14.74
C ASN C 6 4.56 13.32 13.48
N VAL C 7 5.24 13.41 12.33
CA VAL C 7 4.73 12.98 10.99
C VAL C 7 5.50 11.73 10.54
N LYS C 8 4.80 10.59 10.46
CA LYS C 8 5.38 9.28 10.06
C LYS C 8 5.40 9.17 8.54
N THR C 9 6.59 9.02 7.93
CA THR C 9 6.76 8.64 6.51
C THR C 9 6.66 7.13 6.45
N LEU C 10 6.39 6.56 5.27
CA LEU C 10 6.23 5.09 5.10
C LEU C 10 7.60 4.42 4.95
N THR C 11 8.66 5.22 4.79
CA THR C 11 10.08 4.74 4.77
C THR C 11 10.58 4.60 6.24
N GLY C 12 9.73 4.91 7.24
CA GLY C 12 10.03 4.70 8.69
C GLY C 12 10.31 6.00 9.43
N THR C 13 10.91 6.99 8.76
CA THR C 13 11.22 8.35 9.28
C THR C 13 10.05 8.92 10.07
N THR C 14 10.33 9.48 11.25
CA THR C 14 9.42 10.40 11.99
C THR C 14 10.00 11.80 11.93
N ILE C 15 9.25 12.74 11.38
CA ILE C 15 9.63 14.18 11.25
C ILE C 15 8.98 14.91 12.41
N GLY C 16 9.80 15.44 13.33
CA GLY C 16 9.36 16.24 14.48
C GLY C 16 9.27 17.69 14.10
N LEU C 17 8.10 18.29 14.26
CA LEU C 17 7.88 19.72 13.93
C LEU C 17 7.31 20.44 15.14
N GLU C 18 7.90 21.57 15.50
CA GLU C 18 7.35 22.53 16.48
C GLU C 18 6.33 23.38 15.72
N VAL C 19 5.05 23.33 16.11
CA VAL C 19 3.95 24.03 15.40
C VAL C 19 2.99 24.64 16.44
N GLU C 20 2.17 25.59 15.98
CA GLU C 20 1.06 26.22 16.72
C GLU C 20 -0.23 25.62 16.17
N PRO C 21 -1.25 25.31 16.98
CA PRO C 21 -2.53 24.80 16.48
C PRO C 21 -3.16 25.63 15.33
N SER C 22 -2.78 26.91 15.22
CA SER C 22 -3.29 27.88 14.20
C SER C 22 -2.43 27.81 12.93
N ASP C 23 -1.31 27.08 12.96
CA ASP C 23 -0.45 26.84 11.78
C ASP C 23 -1.29 26.12 10.72
N THR C 24 -1.28 26.65 9.51
CA THR C 24 -2.05 26.14 8.34
C THR C 24 -1.29 24.94 7.77
N ILE C 25 -1.97 24.08 7.01
CA ILE C 25 -1.35 22.81 6.51
C ILE C 25 -0.23 23.15 5.52
N GLU C 26 -0.37 24.20 4.68
CA GLU C 26 0.73 24.61 3.74
C GLU C 26 1.95 25.05 4.60
N ASN C 27 1.72 25.56 5.84
CA ASN C 27 2.82 25.98 6.77
C ASN C 27 3.58 24.74 7.25
N VAL C 28 2.87 23.70 7.70
CA VAL C 28 3.47 22.42 8.17
C VAL C 28 4.33 21.86 7.02
N LYS C 29 3.77 21.85 5.80
CA LYS C 29 4.43 21.32 4.58
C LYS C 29 5.70 22.11 4.29
N ALA C 30 5.68 23.43 4.47
CA ALA C 30 6.86 24.33 4.30
C ALA C 30 7.93 23.95 5.33
N LYS C 31 7.53 23.65 6.56
CA LYS C 31 8.43 23.21 7.65
C LYS C 31 9.04 21.87 7.24
N ILE C 32 8.19 20.92 6.86
CA ILE C 32 8.63 19.61 6.31
C ILE C 32 9.60 19.86 5.15
N GLN C 33 9.31 20.80 4.26
CA GLN C 33 10.21 21.13 3.13
C GLN C 33 11.58 21.53 3.67
N ASP C 34 11.62 22.40 4.70
CA ASP C 34 12.88 22.94 5.30
C ASP C 34 13.69 21.79 5.91
N LYS C 35 13.03 20.79 6.47
CA LYS C 35 13.73 19.67 7.18
C LYS C 35 14.08 18.54 6.20
N GLU C 36 13.23 18.24 5.23
CA GLU C 36 13.37 17.01 4.39
C GLU C 36 13.57 17.35 2.90
N GLY C 37 13.37 18.61 2.48
CA GLY C 37 13.58 19.04 1.07
C GLY C 37 12.53 18.48 0.11
N ILE C 38 11.36 18.06 0.62
CA ILE C 38 10.17 17.66 -0.18
C ILE C 38 9.34 18.92 -0.47
N PRO C 39 9.18 19.35 -1.75
CA PRO C 39 8.33 20.50 -2.07
C PRO C 39 6.92 20.30 -1.51
N PRO C 40 6.28 21.36 -1.00
CA PRO C 40 4.93 21.26 -0.44
C PRO C 40 3.87 20.75 -1.42
N ASP C 41 3.85 21.28 -2.65
CA ASP C 41 2.78 21.03 -3.66
C ASP C 41 2.85 19.49 -3.99
N GLN C 42 3.83 18.77 -3.44
CA GLN C 42 4.08 17.30 -3.67
C GLN C 42 3.97 16.46 -2.38
N GLN C 43 3.56 17.05 -1.25
CA GLN C 43 3.32 16.33 0.02
C GLN C 43 1.83 16.08 0.20
N ILE C 44 1.46 14.91 0.70
CA ILE C 44 0.10 14.63 1.18
C ILE C 44 0.20 14.27 2.65
N LEU C 45 -0.46 15.02 3.52
CA LEU C 45 -0.52 14.74 4.96
C LEU C 45 -1.84 14.03 5.25
N PHE C 46 -1.80 13.03 6.13
CA PHE C 46 -2.96 12.20 6.53
C PHE C 46 -3.13 12.23 8.06
N PHE C 47 -4.37 12.07 8.49
CA PHE C 47 -4.80 12.00 9.89
C PHE C 47 -6.16 11.36 9.92
N SER C 48 -6.32 10.29 10.69
CA SER C 48 -7.61 9.55 10.83
C SER C 48 -8.12 9.12 9.45
N GLY C 49 -7.17 8.83 8.52
CA GLY C 49 -7.41 8.24 7.19
C GLY C 49 -7.84 9.25 6.12
N MET C 50 -7.91 10.54 6.45
CA MET C 50 -8.35 11.62 5.50
C MET C 50 -7.14 12.46 5.13
N GLN C 51 -7.15 13.07 3.94
CA GLN C 51 -6.10 14.01 3.49
C GLN C 51 -6.42 15.41 4.04
N LEU C 52 -5.38 16.14 4.45
CA LEU C 52 -5.50 17.47 5.10
C LEU C 52 -5.38 18.55 4.03
N GLU C 53 -6.33 19.48 3.99
CA GLU C 53 -6.39 20.55 2.95
C GLU C 53 -5.38 21.65 3.31
N ASP C 54 -4.57 22.04 2.31
CA ASP C 54 -3.48 23.04 2.41
C ASP C 54 -3.98 24.31 3.15
N GLY C 55 -5.24 24.72 2.93
CA GLY C 55 -5.86 25.97 3.43
C GLY C 55 -6.51 25.87 4.82
N ARG C 56 -6.90 24.67 5.31
CA ARG C 56 -7.43 24.50 6.70
C ARG C 56 -6.24 24.47 7.69
N THR C 57 -6.51 24.47 9.02
CA THR C 57 -5.49 24.53 10.11
C THR C 57 -5.47 23.25 10.93
N LEU C 58 -4.34 22.95 11.57
CA LEU C 58 -4.18 21.78 12.48
C LEU C 58 -5.38 21.71 13.44
N SER C 59 -5.81 22.87 13.98
CA SER C 59 -6.89 23.00 15.00
C SER C 59 -8.28 22.74 14.39
N ASP C 60 -8.45 22.92 13.08
CA ASP C 60 -9.73 22.62 12.36
C ASP C 60 -9.91 21.10 12.30
N TYR C 61 -8.82 20.33 12.40
CA TYR C 61 -8.80 18.83 12.40
C TYR C 61 -8.63 18.29 13.85
N ASN C 62 -8.56 19.20 14.84
CA ASN C 62 -8.40 18.86 16.28
C ASN C 62 -7.10 18.07 16.47
N ILE C 63 -6.00 18.53 15.88
CA ILE C 63 -4.68 17.82 15.84
C ILE C 63 -3.87 18.18 17.09
N GLN C 64 -3.56 17.17 17.90
CA GLN C 64 -2.85 17.28 19.21
C GLN C 64 -1.41 16.82 19.03
N LYS C 65 -0.61 16.87 20.10
CA LYS C 65 0.80 16.41 20.11
C LYS C 65 0.87 14.88 19.88
N GLU C 66 -0.17 14.15 20.30
CA GLU C 66 -0.20 12.66 20.30
C GLU C 66 -0.81 12.15 18.98
N SER C 67 -1.50 13.01 18.24
CA SER C 67 -2.21 12.67 16.97
C SER C 67 -1.23 11.97 16.02
N ARG C 68 -1.65 10.83 15.44
CA ARG C 68 -0.84 10.03 14.49
C ARG C 68 -1.01 10.64 13.10
N LEU C 69 0.03 11.32 12.61
CA LEU C 69 0.06 12.00 11.30
C LEU C 69 1.03 11.27 10.36
N TYR C 70 0.58 10.94 9.15
CA TYR C 70 1.42 10.28 8.11
C TYR C 70 1.69 11.27 6.95
N LEU C 71 2.94 11.27 6.45
CA LEU C 71 3.38 12.00 5.22
C LEU C 71 3.62 10.99 4.11
N VAL C 72 3.00 11.24 2.97
CA VAL C 72 3.18 10.48 1.71
C VAL C 72 3.60 11.51 0.67
N PHE C 73 4.54 11.19 -0.21
CA PHE C 73 5.03 12.15 -1.24
C PHE C 73 5.61 11.44 -2.47
N SER C 74 5.88 12.23 -3.51
CA SER C 74 6.50 11.82 -4.81
C SER C 74 8.01 12.09 -4.77
N LEU C 75 8.79 11.24 -5.47
CA LEU C 75 10.28 11.36 -5.62
C LEU C 75 10.63 12.02 -6.96
N ARG C 76 9.65 12.54 -7.70
CA ARG C 76 9.84 13.15 -9.04
C ARG C 76 10.32 14.60 -8.87
N GLY D 1 -6.01 -33.85 -1.90
CA GLY D 1 -6.84 -33.92 -3.13
C GLY D 1 -6.82 -32.59 -3.89
N PRO D 2 -6.96 -32.59 -5.24
CA PRO D 2 -6.77 -31.38 -6.06
C PRO D 2 -7.85 -30.31 -5.84
N MET D 3 -7.48 -29.19 -5.19
CA MET D 3 -8.42 -28.13 -4.70
C MET D 3 -8.25 -26.83 -5.48
N GLN D 4 -9.26 -25.96 -5.43
CA GLN D 4 -9.28 -24.64 -6.10
C GLN D 4 -8.94 -23.56 -5.06
N ILE D 5 -7.84 -22.81 -5.29
CA ILE D 5 -7.48 -21.61 -4.48
C ILE D 5 -7.81 -20.37 -5.31
N ASN D 6 -7.77 -19.20 -4.68
CA ASN D 6 -8.07 -17.89 -5.30
C ASN D 6 -7.05 -16.87 -4.83
N VAL D 7 -6.16 -16.43 -5.74
CA VAL D 7 -5.15 -15.37 -5.49
C VAL D 7 -5.70 -14.03 -5.98
N LYS D 8 -5.95 -13.11 -5.05
CA LYS D 8 -6.54 -11.78 -5.31
C LYS D 8 -5.42 -10.74 -5.40
N THR D 9 -5.59 -9.71 -6.23
CA THR D 9 -4.69 -8.53 -6.29
C THR D 9 -5.36 -7.37 -5.54
N LEU D 10 -4.61 -6.31 -5.27
CA LEU D 10 -5.10 -5.15 -4.50
C LEU D 10 -6.16 -4.39 -5.30
N THR D 11 -6.15 -4.49 -6.64
CA THR D 11 -7.15 -3.85 -7.56
C THR D 11 -8.48 -4.60 -7.53
N GLY D 12 -8.54 -5.77 -6.88
CA GLY D 12 -9.78 -6.59 -6.77
C GLY D 12 -9.88 -7.70 -7.82
N THR D 13 -8.83 -7.90 -8.63
CA THR D 13 -8.74 -9.01 -9.62
C THR D 13 -8.46 -10.33 -8.87
N THR D 14 -9.04 -11.43 -9.32
CA THR D 14 -8.89 -12.77 -8.69
C THR D 14 -8.45 -13.80 -9.75
N ILE D 15 -7.40 -14.56 -9.42
CA ILE D 15 -6.87 -15.68 -10.25
C ILE D 15 -7.21 -16.99 -9.54
N GLY D 16 -8.12 -17.79 -10.12
CA GLY D 16 -8.43 -19.16 -9.68
C GLY D 16 -7.34 -20.11 -10.15
N LEU D 17 -6.89 -21.02 -9.28
CA LEU D 17 -5.80 -22.01 -9.58
C LEU D 17 -6.23 -23.37 -9.03
N GLU D 18 -6.00 -24.45 -9.79
CA GLU D 18 -6.20 -25.83 -9.27
C GLU D 18 -4.82 -26.31 -8.77
N VAL D 19 -4.74 -26.64 -7.48
CA VAL D 19 -3.46 -26.92 -6.77
C VAL D 19 -3.62 -28.17 -5.89
N GLU D 20 -2.50 -28.78 -5.51
CA GLU D 20 -2.40 -29.91 -4.54
C GLU D 20 -1.71 -29.36 -3.30
N PRO D 21 -2.23 -29.61 -2.07
CA PRO D 21 -1.62 -29.05 -0.86
C PRO D 21 -0.10 -29.23 -0.80
N SER D 22 0.43 -30.29 -1.43
CA SER D 22 1.88 -30.65 -1.44
C SER D 22 2.66 -29.68 -2.34
N ASP D 23 1.97 -28.91 -3.18
CA ASP D 23 2.58 -27.94 -4.14
C ASP D 23 3.37 -26.88 -3.36
N THR D 24 4.54 -26.53 -3.86
CA THR D 24 5.38 -25.44 -3.30
C THR D 24 4.82 -24.09 -3.76
N ILE D 25 5.26 -23.01 -3.13
CA ILE D 25 4.91 -21.62 -3.53
C ILE D 25 5.51 -21.35 -4.93
N GLU D 26 6.79 -21.70 -5.20
CA GLU D 26 7.38 -21.56 -6.57
C GLU D 26 6.41 -22.20 -7.56
N ASN D 27 5.88 -23.35 -7.18
CA ASN D 27 4.97 -24.15 -8.03
C ASN D 27 3.72 -23.29 -8.32
N VAL D 28 3.09 -22.74 -7.29
CA VAL D 28 1.89 -21.88 -7.44
C VAL D 28 2.27 -20.65 -8.30
N LYS D 29 3.44 -20.07 -8.07
CA LYS D 29 3.88 -18.88 -8.82
C LYS D 29 4.08 -19.24 -10.30
N ALA D 30 4.42 -20.50 -10.59
CA ALA D 30 4.63 -21.03 -11.97
C ALA D 30 3.27 -21.10 -12.69
N LYS D 31 2.24 -21.58 -11.99
CA LYS D 31 0.83 -21.63 -12.46
C LYS D 31 0.38 -20.21 -12.81
N ILE D 32 0.51 -19.27 -11.87
CA ILE D 32 0.13 -17.84 -12.05
C ILE D 32 0.82 -17.32 -13.31
N GLN D 33 2.05 -17.77 -13.60
CA GLN D 33 2.83 -17.27 -14.77
C GLN D 33 2.28 -17.88 -16.07
N ASP D 34 1.87 -19.14 -16.03
CA ASP D 34 1.36 -19.86 -17.22
C ASP D 34 0.00 -19.23 -17.60
N LYS D 35 -0.67 -18.56 -16.65
CA LYS D 35 -2.03 -17.98 -16.83
C LYS D 35 -1.96 -16.48 -17.20
N GLU D 36 -1.21 -15.65 -16.47
CA GLU D 36 -1.23 -14.17 -16.69
C GLU D 36 0.17 -13.66 -17.11
N GLY D 37 1.20 -14.50 -17.09
CA GLY D 37 2.50 -14.22 -17.72
C GLY D 37 3.46 -13.43 -16.82
N ILE D 38 3.29 -13.49 -15.51
CA ILE D 38 4.16 -12.77 -14.53
C ILE D 38 5.27 -13.71 -14.10
N PRO D 39 6.55 -13.39 -14.42
CA PRO D 39 7.68 -14.21 -13.98
C PRO D 39 7.61 -14.51 -12.48
N PRO D 40 7.88 -15.76 -12.04
CA PRO D 40 7.79 -16.09 -10.62
C PRO D 40 8.76 -15.29 -9.74
N ASP D 41 9.99 -15.03 -10.23
CA ASP D 41 11.05 -14.33 -9.45
C ASP D 41 10.57 -12.86 -9.21
N GLN D 42 9.34 -12.50 -9.66
CA GLN D 42 8.76 -11.12 -9.56
C GLN D 42 7.40 -11.10 -8.88
N GLN D 43 6.85 -12.24 -8.51
CA GLN D 43 5.58 -12.34 -7.74
C GLN D 43 5.91 -12.41 -6.26
N ILE D 44 5.10 -11.77 -5.44
CA ILE D 44 5.09 -12.00 -3.97
C ILE D 44 3.68 -12.46 -3.60
N LEU D 45 3.58 -13.53 -2.84
CA LEU D 45 2.28 -14.05 -2.37
C LEU D 45 2.14 -13.83 -0.87
N PHE D 46 0.94 -13.53 -0.42
CA PHE D 46 0.61 -13.30 1.00
C PHE D 46 -0.52 -14.23 1.42
N PHE D 47 -0.46 -14.66 2.68
CA PHE D 47 -1.55 -15.38 3.40
C PHE D 47 -1.47 -14.95 4.86
N SER D 48 -2.56 -14.42 5.41
CA SER D 48 -2.66 -13.98 6.82
C SER D 48 -1.49 -13.05 7.17
N GLY D 49 -1.23 -12.04 6.34
CA GLY D 49 -0.18 -11.03 6.56
C GLY D 49 1.23 -11.56 6.36
N MET D 50 1.41 -12.88 6.25
CA MET D 50 2.75 -13.52 6.05
C MET D 50 3.12 -13.48 4.57
N GLN D 51 4.37 -13.17 4.27
CA GLN D 51 4.97 -13.29 2.95
C GLN D 51 5.42 -14.76 2.76
N LEU D 52 4.96 -15.42 1.70
CA LEU D 52 5.13 -16.88 1.50
C LEU D 52 6.48 -17.17 0.82
N GLU D 53 7.14 -18.26 1.20
CA GLU D 53 8.50 -18.62 0.75
C GLU D 53 8.42 -19.58 -0.44
N ASP D 54 9.14 -19.27 -1.54
CA ASP D 54 9.21 -20.12 -2.76
C ASP D 54 9.25 -21.61 -2.30
N GLY D 55 10.13 -21.92 -1.34
CA GLY D 55 10.52 -23.28 -0.91
C GLY D 55 9.45 -24.03 -0.09
N ARG D 56 8.65 -23.35 0.72
CA ARG D 56 7.64 -24.02 1.61
C ARG D 56 6.40 -24.40 0.77
N THR D 57 5.46 -25.15 1.35
CA THR D 57 4.27 -25.68 0.62
C THR D 57 2.98 -25.08 1.20
N LEU D 58 1.91 -25.11 0.42
CA LEU D 58 0.56 -24.69 0.84
C LEU D 58 0.21 -25.43 2.14
N SER D 59 0.54 -26.73 2.21
CA SER D 59 0.36 -27.60 3.41
C SER D 59 1.02 -26.94 4.62
N ASP D 60 2.27 -26.49 4.47
CA ASP D 60 3.09 -25.85 5.55
C ASP D 60 2.34 -24.64 6.12
N TYR D 61 1.72 -23.81 5.26
CA TYR D 61 1.00 -22.55 5.65
C TYR D 61 -0.46 -22.87 6.00
N ASN D 62 -0.89 -24.13 5.81
CA ASN D 62 -2.25 -24.64 6.13
C ASN D 62 -3.29 -23.94 5.25
N ILE D 63 -3.00 -23.77 3.95
CA ILE D 63 -3.89 -23.10 2.94
C ILE D 63 -5.00 -24.08 2.51
N GLN D 64 -6.27 -23.69 2.75
CA GLN D 64 -7.48 -24.42 2.29
C GLN D 64 -8.06 -23.68 1.08
N LYS D 65 -9.15 -24.20 0.50
CA LYS D 65 -9.83 -23.62 -0.70
C LYS D 65 -10.40 -22.23 -0.35
N GLU D 66 -10.89 -22.06 0.88
CA GLU D 66 -11.54 -20.80 1.34
C GLU D 66 -10.49 -19.74 1.68
N SER D 67 -9.20 -20.00 1.45
CA SER D 67 -8.08 -19.16 1.93
C SER D 67 -7.98 -17.86 1.13
N ARG D 68 -7.80 -16.75 1.85
CA ARG D 68 -7.58 -15.39 1.28
C ARG D 68 -6.08 -15.21 1.01
N LEU D 69 -5.65 -15.46 -0.23
CA LEU D 69 -4.26 -15.28 -0.72
C LEU D 69 -4.18 -13.98 -1.51
N TYR D 70 -3.09 -13.22 -1.37
CA TYR D 70 -2.87 -11.94 -2.09
C TYR D 70 -1.63 -12.04 -2.98
N LEU D 71 -1.67 -11.35 -4.11
CA LEU D 71 -0.57 -11.27 -5.09
C LEU D 71 -0.22 -9.81 -5.31
N VAL D 72 1.07 -9.51 -5.18
CA VAL D 72 1.74 -8.23 -5.54
C VAL D 72 2.80 -8.56 -6.59
N PHE D 73 2.96 -7.72 -7.61
CA PHE D 73 4.02 -7.88 -8.65
C PHE D 73 4.41 -6.51 -9.22
N SER D 74 5.57 -6.44 -9.88
CA SER D 74 6.14 -5.23 -10.51
C SER D 74 5.27 -4.73 -11.66
N LEU D 75 5.23 -3.40 -11.83
CA LEU D 75 4.58 -2.70 -12.97
C LEU D 75 5.36 -3.03 -14.25
N ARG D 76 6.68 -3.26 -14.15
CA ARG D 76 7.52 -3.68 -15.30
C ARG D 76 7.09 -5.08 -15.72
#